data_5DIL
#
_entry.id   5DIL
#
_cell.length_a   34.689
_cell.length_b   41.666
_cell.length_c   49.681
_cell.angle_alpha   68.72
_cell.angle_beta   82.83
_cell.angle_gamma   78.12
#
_symmetry.space_group_name_H-M   'P 1'
#
loop_
_entity.id
_entity.type
_entity.pdbx_description
1 polymer 'Non-structural protein 1'
2 non-polymer 'IODIDE ION'
3 water water
#
_entity_poly.entity_id   1
_entity_poly.type   'polypeptide(L)'
_entity_poly.pdbx_seq_one_letter_code
;HPIEVVLRD(MSE)NNKDARQKIKDEVNTQKEGKFRLTIKRDIRNVLSLRVLVNGTFLKHPNGDKSLSTLHRLNAYDQNG
GLVAKLVATDDLTVEDEKDGHRILNSLFERFDEGHSKPIRAAETAVGVLSQFGQEHRLSPEEGDN
;
_entity_poly.pdbx_strand_id   A,B
#
loop_
_chem_comp.id
_chem_comp.type
_chem_comp.name
_chem_comp.formula
IOD non-polymer 'IODIDE ION' 'I -1'
#
# COMPACT_ATOMS: atom_id res chain seq x y z
N HIS A 1 -24.72 -5.25 -24.71
CA HIS A 1 -25.59 -5.56 -23.58
C HIS A 1 -25.60 -4.52 -22.45
N PRO A 2 -24.46 -3.85 -22.17
CA PRO A 2 -24.61 -2.89 -21.07
C PRO A 2 -25.03 -1.52 -21.56
N ILE A 3 -25.76 -0.78 -20.73
CA ILE A 3 -25.94 0.64 -20.95
C ILE A 3 -24.77 1.32 -20.25
N GLU A 4 -23.93 1.99 -21.03
CA GLU A 4 -22.75 2.64 -20.48
C GLU A 4 -22.88 4.15 -20.49
N VAL A 5 -22.26 4.80 -19.52
CA VAL A 5 -22.14 6.26 -19.51
C VAL A 5 -20.72 6.66 -19.20
N VAL A 6 -20.32 7.83 -19.69
CA VAL A 6 -18.98 8.34 -19.43
C VAL A 6 -19.08 9.56 -18.53
N LEU A 7 -18.63 9.40 -17.29
CA LEU A 7 -18.73 10.46 -16.30
C LEU A 7 -17.35 11.06 -16.03
N ARG A 8 -17.29 12.40 -16.03
CA ARG A 8 -16.01 13.09 -15.93
C ARG A 8 -16.01 14.17 -14.85
N ASP A 9 -14.92 14.26 -14.09
CA ASP A 9 -14.68 15.37 -13.19
C ASP A 9 -13.65 16.30 -13.81
N MSE A 10 -13.00 15.83 -14.88
CA MSE A 10 -11.89 16.57 -15.46
C MSE A 10 -11.97 16.69 -16.96
O MSE A 10 -12.61 15.88 -17.62
CB MSE A 10 -10.58 15.84 -15.15
CG MSE A 10 -10.16 15.88 -13.71
SE MSE A 10 -8.60 14.73 -13.47
CE MSE A 10 -9.46 13.00 -13.82
N ASN A 11 -11.30 17.71 -17.50
CA ASN A 11 -11.06 17.79 -18.93
C ASN A 11 -9.85 16.94 -19.31
N ASN A 12 -9.63 16.75 -20.59
CA ASN A 12 -8.57 15.85 -21.07
C ASN A 12 -7.15 16.24 -20.66
N LYS A 13 -6.88 17.55 -20.62
CA LYS A 13 -5.55 18.02 -20.23
C LYS A 13 -5.22 17.68 -18.78
N ASP A 14 -6.14 17.98 -17.87
CA ASP A 14 -5.93 17.68 -16.46
C ASP A 14 -5.83 16.17 -16.23
N ALA A 15 -6.62 15.41 -16.97
CA ALA A 15 -6.67 13.96 -16.82
C ALA A 15 -5.37 13.29 -17.25
N ARG A 16 -4.62 13.94 -18.14
CA ARG A 16 -3.39 13.34 -18.66
C ARG A 16 -2.13 13.83 -17.97
N GLN A 17 -2.31 14.70 -16.98
CA GLN A 17 -1.20 15.24 -16.19
C GLN A 17 -0.30 14.13 -15.65
N LYS A 18 1.00 14.38 -15.64
CA LYS A 18 1.95 13.45 -15.04
C LYS A 18 2.53 14.06 -13.76
N ILE A 19 2.88 13.20 -12.81
CA ILE A 19 3.41 13.66 -11.53
C ILE A 19 4.86 14.13 -11.66
N LYS A 20 5.19 15.24 -10.99
CA LYS A 20 6.52 15.80 -11.03
C LYS A 20 7.44 15.14 -10.00
N ASP A 21 8.72 15.02 -10.36
CA ASP A 21 9.76 14.52 -9.47
C ASP A 21 9.57 13.06 -9.03
N GLU A 22 10.43 12.61 -8.13
CA GLU A 22 10.45 11.21 -7.71
C GLU A 22 9.13 10.73 -7.13
N VAL A 23 8.81 9.46 -7.37
CA VAL A 23 7.54 8.91 -6.93
C VAL A 23 7.68 7.50 -6.35
N ASN A 24 6.66 7.09 -5.61
CA ASN A 24 6.51 5.70 -5.18
C ASN A 24 5.41 5.04 -6.00
N THR A 25 5.41 3.71 -6.05
CA THR A 25 4.40 3.01 -6.82
C THR A 25 3.83 1.81 -6.07
N GLN A 26 2.61 1.42 -6.44
CA GLN A 26 1.96 0.26 -5.84
C GLN A 26 1.00 -0.40 -6.83
N LYS A 27 1.09 -1.72 -6.94
CA LYS A 27 0.18 -2.50 -7.75
C LYS A 27 -0.69 -3.40 -6.88
N GLU A 28 -1.99 -3.37 -7.12
CA GLU A 28 -2.93 -4.31 -6.50
C GLU A 28 -3.85 -4.81 -7.59
N GLY A 29 -3.55 -5.99 -8.13
CA GLY A 29 -4.31 -6.54 -9.23
C GLY A 29 -4.22 -5.65 -10.46
N LYS A 30 -5.37 -5.19 -10.94
CA LYS A 30 -5.41 -4.35 -12.12
C LYS A 30 -5.02 -2.90 -11.83
N PHE A 31 -5.15 -2.50 -10.57
CA PHE A 31 -4.90 -1.11 -10.19
C PHE A 31 -3.41 -0.80 -10.04
N ARG A 32 -3.03 0.39 -10.52
CA ARG A 32 -1.66 0.85 -10.44
C ARG A 32 -1.62 2.26 -9.85
N LEU A 33 -1.00 2.40 -8.69
CA LEU A 33 -0.94 3.69 -8.00
C LEU A 33 0.43 4.34 -8.09
N THR A 34 0.45 5.62 -8.48
CA THR A 34 1.68 6.39 -8.49
C THR A 34 1.51 7.57 -7.56
N ILE A 35 2.47 7.75 -6.65
CA ILE A 35 2.32 8.76 -5.62
C ILE A 35 3.61 9.55 -5.37
N LYS A 36 3.47 10.85 -5.28
CA LYS A 36 4.60 11.75 -5.05
C LYS A 36 5.34 11.33 -3.79
N ARG A 37 6.67 11.27 -3.88
CA ARG A 37 7.49 10.86 -2.74
C ARG A 37 7.46 11.92 -1.65
N ASP A 38 7.78 13.16 -2.03
CA ASP A 38 7.81 14.28 -1.11
C ASP A 38 6.40 14.82 -0.90
N ILE A 39 5.73 14.35 0.14
CA ILE A 39 4.35 14.74 0.40
C ILE A 39 4.18 15.40 1.76
N ARG A 40 5.24 16.03 2.25
CA ARG A 40 5.16 16.81 3.47
C ARG A 40 4.38 18.08 3.19
N ASN A 41 3.62 18.53 4.19
CA ASN A 41 2.77 19.72 4.09
C ASN A 41 1.69 19.62 3.01
N VAL A 42 1.24 18.40 2.73
CA VAL A 42 -0.01 18.24 1.99
C VAL A 42 -1.09 18.38 3.05
N LEU A 43 -1.82 19.48 3.01
CA LEU A 43 -2.74 19.82 4.09
C LEU A 43 -4.17 19.37 3.82
N SER A 44 -4.49 19.14 2.56
CA SER A 44 -5.79 18.62 2.18
C SER A 44 -5.70 17.86 0.86
N LEU A 45 -6.76 17.15 0.51
CA LEU A 45 -6.76 16.33 -0.70
C LEU A 45 -8.05 16.53 -1.47
N ARG A 46 -7.94 16.60 -2.80
CA ARG A 46 -9.11 16.70 -3.67
C ARG A 46 -9.02 15.64 -4.75
N VAL A 47 -10.03 14.80 -4.82
CA VAL A 47 -10.00 13.63 -5.70
C VAL A 47 -10.95 13.79 -6.90
N LEU A 48 -10.40 13.68 -8.10
CA LEU A 48 -11.20 13.77 -9.31
C LEU A 48 -11.05 12.47 -10.12
N VAL A 49 -12.12 12.09 -10.82
CA VAL A 49 -12.15 10.84 -11.56
C VAL A 49 -12.80 11.01 -12.94
N ASN A 50 -12.20 10.40 -13.95
CA ASN A 50 -12.85 10.19 -15.24
C ASN A 50 -13.02 8.69 -15.46
N GLY A 51 -14.19 8.25 -15.91
CA GLY A 51 -14.39 6.84 -16.14
C GLY A 51 -15.65 6.47 -16.89
N THR A 52 -15.69 5.23 -17.36
CA THR A 52 -16.89 4.66 -17.97
C THR A 52 -17.61 3.79 -16.95
N PHE A 53 -18.92 3.97 -16.83
CA PHE A 53 -19.70 3.29 -15.81
C PHE A 53 -20.81 2.46 -16.45
N LEU A 54 -21.04 1.27 -15.90
CA LEU A 54 -22.16 0.44 -16.33
C LEU A 54 -23.44 0.87 -15.63
N LYS A 55 -24.43 1.29 -16.41
CA LYS A 55 -25.72 1.64 -15.85
C LYS A 55 -26.52 0.39 -15.54
N HIS A 56 -26.99 0.26 -14.31
CA HIS A 56 -27.84 -0.85 -13.92
C HIS A 56 -29.30 -0.41 -14.06
N PRO A 57 -30.17 -1.33 -14.48
CA PRO A 57 -31.59 -1.05 -14.76
C PRO A 57 -32.29 -0.26 -13.64
N ASN A 58 -31.95 -0.51 -12.39
CA ASN A 58 -32.57 0.20 -11.29
C ASN A 58 -31.95 1.58 -11.05
N GLY A 59 -30.91 1.91 -11.81
CA GLY A 59 -30.31 3.22 -11.77
C GLY A 59 -28.91 3.28 -11.17
N ASP A 60 -28.51 2.22 -10.47
CA ASP A 60 -27.20 2.17 -9.85
C ASP A 60 -26.08 2.23 -10.91
N LYS A 61 -24.89 2.64 -10.47
CA LYS A 61 -23.76 2.74 -11.38
C LYS A 61 -22.55 1.99 -10.83
N SER A 62 -21.83 1.31 -11.71
CA SER A 62 -20.58 0.66 -11.33
C SER A 62 -19.49 0.99 -12.34
N LEU A 63 -18.30 1.27 -11.82
CA LEU A 63 -17.15 1.61 -12.65
C LEU A 63 -16.68 0.41 -13.44
N SER A 64 -16.79 0.51 -14.77
CA SER A 64 -16.32 -0.56 -15.64
C SER A 64 -14.94 -0.24 -16.20
N THR A 65 -14.66 1.03 -16.38
CA THR A 65 -13.36 1.46 -16.88
C THR A 65 -12.88 2.73 -16.18
N LEU A 66 -11.84 2.61 -15.38
CA LEU A 66 -11.19 3.77 -14.81
C LEU A 66 -10.29 4.38 -15.86
N HIS A 67 -10.57 5.62 -16.25
CA HIS A 67 -9.72 6.34 -17.17
C HIS A 67 -8.57 6.94 -16.37
N ARG A 68 -8.91 7.67 -15.32
CA ARG A 68 -7.92 8.30 -14.45
C ARG A 68 -8.52 8.83 -13.16
N LEU A 69 -7.86 8.55 -12.04
CA LEU A 69 -8.16 9.23 -10.78
C LEU A 69 -6.99 10.14 -10.47
N ASN A 70 -7.28 11.39 -10.17
CA ASN A 70 -6.25 12.34 -9.76
C ASN A 70 -6.50 12.83 -8.34
N ALA A 71 -5.44 13.00 -7.57
CA ALA A 71 -5.52 13.59 -6.24
C ALA A 71 -4.63 14.84 -6.20
N TYR A 72 -5.21 15.95 -5.75
CA TYR A 72 -4.48 17.22 -5.72
C TYR A 72 -4.34 17.73 -4.28
N ASP A 73 -3.20 18.36 -3.97
CA ASP A 73 -3.03 18.99 -2.67
C ASP A 73 -3.71 20.36 -2.65
N GLN A 74 -3.55 21.10 -1.56
CA GLN A 74 -4.21 22.39 -1.41
C GLN A 74 -3.72 23.41 -2.45
N ASN A 75 -2.55 23.19 -3.00
CA ASN A 75 -1.96 24.12 -3.95
C ASN A 75 -2.24 23.79 -5.41
N GLY A 76 -3.02 22.73 -5.63
CA GLY A 76 -3.36 22.32 -6.98
C GLY A 76 -2.32 21.40 -7.60
N GLY A 77 -1.36 20.97 -6.78
CA GLY A 77 -0.32 20.06 -7.24
C GLY A 77 -0.83 18.63 -7.30
N LEU A 78 -0.50 17.93 -8.39
CA LEU A 78 -0.90 16.54 -8.54
C LEU A 78 0.01 15.66 -7.69
N VAL A 79 -0.55 15.12 -6.62
CA VAL A 79 0.24 14.35 -5.66
C VAL A 79 0.05 12.85 -5.81
N ALA A 80 -0.95 12.45 -6.58
CA ALA A 80 -1.24 11.04 -6.80
C ALA A 80 -2.08 10.79 -8.04
N LYS A 81 -1.82 9.66 -8.69
CA LYS A 81 -2.65 9.22 -9.80
C LYS A 81 -2.93 7.73 -9.71
N LEU A 82 -4.16 7.35 -10.05
CA LEU A 82 -4.54 5.94 -10.07
C LEU A 82 -5.09 5.59 -11.44
N VAL A 83 -4.55 4.52 -12.01
CA VAL A 83 -5.03 3.99 -13.28
C VAL A 83 -5.27 2.50 -13.13
N ALA A 84 -5.82 1.88 -14.18
CA ALA A 84 -6.03 0.43 -14.18
C ALA A 84 -5.64 -0.14 -15.54
N THR A 85 -5.20 -1.40 -15.56
CA THR A 85 -4.68 -2.01 -16.79
C THR A 85 -5.76 -2.74 -17.59
N ASP A 86 -6.93 -2.94 -16.99
CA ASP A 86 -8.02 -3.64 -17.64
C ASP A 86 -9.38 -3.20 -17.11
N ASP A 87 -10.44 -3.54 -17.84
CA ASP A 87 -11.80 -3.24 -17.40
C ASP A 87 -12.08 -3.87 -16.05
N LEU A 88 -12.99 -3.26 -15.30
CA LEU A 88 -13.23 -3.66 -13.91
C LEU A 88 -14.53 -4.44 -13.75
N THR A 89 -14.47 -5.47 -12.91
CA THR A 89 -15.65 -6.22 -12.51
C THR A 89 -15.72 -6.26 -10.98
N VAL A 90 -16.73 -6.95 -10.45
CA VAL A 90 -16.93 -7.00 -9.00
C VAL A 90 -15.80 -7.72 -8.27
N GLU A 91 -15.00 -8.50 -9.00
CA GLU A 91 -13.90 -9.24 -8.39
C GLU A 91 -12.72 -8.32 -8.04
N ASP A 92 -12.71 -7.12 -8.61
CA ASP A 92 -11.62 -6.18 -8.41
C ASP A 92 -11.89 -5.25 -7.23
N GLU A 93 -13.04 -5.44 -6.58
CA GLU A 93 -13.48 -4.53 -5.52
C GLU A 93 -12.54 -4.51 -4.33
N LYS A 94 -12.02 -5.68 -3.95
CA LYS A 94 -11.08 -5.75 -2.83
C LYS A 94 -9.73 -5.13 -3.19
N ASP A 95 -9.31 -5.28 -4.43
CA ASP A 95 -8.09 -4.65 -4.92
C ASP A 95 -8.26 -3.13 -4.92
N GLY A 96 -9.45 -2.68 -5.30
CA GLY A 96 -9.74 -1.25 -5.39
C GLY A 96 -9.81 -0.60 -4.03
N HIS A 97 -10.52 -1.23 -3.10
CA HIS A 97 -10.61 -0.74 -1.73
C HIS A 97 -9.23 -0.62 -1.10
N ARG A 98 -8.41 -1.64 -1.33
CA ARG A 98 -7.10 -1.72 -0.68
C ARG A 98 -6.12 -0.65 -1.16
N ILE A 99 -6.11 -0.39 -2.47
CA ILE A 99 -5.15 0.55 -3.02
C ILE A 99 -5.58 2.01 -2.78
N LEU A 100 -6.88 2.23 -2.63
CA LEU A 100 -7.39 3.55 -2.30
C LEU A 100 -7.12 3.84 -0.83
N ASN A 101 -7.19 2.79 -0.02
CA ASN A 101 -6.79 2.86 1.39
C ASN A 101 -5.36 3.36 1.48
N SER A 102 -4.48 2.73 0.68
CA SER A 102 -3.07 3.07 0.64
C SER A 102 -2.86 4.53 0.24
N LEU A 103 -3.68 5.00 -0.71
CA LEU A 103 -3.61 6.38 -1.16
C LEU A 103 -3.89 7.35 -0.01
N PHE A 104 -4.95 7.09 0.74
CA PHE A 104 -5.40 8.00 1.78
C PHE A 104 -4.59 7.89 3.07
N GLU A 105 -4.05 6.70 3.34
CA GLU A 105 -3.24 6.50 4.53
C GLU A 105 -1.88 7.19 4.42
N ARG A 106 -1.37 7.30 3.20
CA ARG A 106 -0.10 7.98 2.97
C ARG A 106 -0.22 9.48 3.23
N PHE A 107 -1.38 10.04 2.91
CA PHE A 107 -1.60 11.48 3.05
C PHE A 107 -2.25 11.86 4.37
N ASP A 108 -2.87 10.89 5.02
CA ASP A 108 -3.69 11.19 6.18
C ASP A 108 -3.79 9.99 7.12
N GLU A 109 -2.65 9.48 7.56
CA GLU A 109 -2.64 8.38 8.51
C GLU A 109 -3.26 8.82 9.83
N GLY A 110 -3.08 10.10 10.15
CA GLY A 110 -3.66 10.66 11.35
C GLY A 110 -5.15 10.90 11.24
N HIS A 111 -5.68 10.72 10.02
CA HIS A 111 -7.11 10.87 9.76
C HIS A 111 -7.66 12.23 10.19
N SER A 112 -6.91 13.30 9.93
CA SER A 112 -7.30 14.62 10.39
C SER A 112 -7.55 15.62 9.26
N LYS A 113 -6.71 15.57 8.24
CA LYS A 113 -6.79 16.51 7.13
C LYS A 113 -8.05 16.31 6.29
N PRO A 114 -8.65 17.43 5.83
CA PRO A 114 -9.84 17.36 4.97
C PRO A 114 -9.58 16.71 3.62
N ILE A 115 -10.46 15.79 3.24
CA ILE A 115 -10.39 15.14 1.95
C ILE A 115 -11.72 15.33 1.23
N ARG A 116 -11.69 15.96 0.06
CA ARG A 116 -12.92 16.12 -0.72
C ARG A 116 -12.79 15.49 -2.11
N ALA A 117 -13.92 15.32 -2.78
CA ALA A 117 -13.93 14.70 -4.09
C ALA A 117 -15.06 15.26 -4.94
N ALA A 118 -14.81 15.35 -6.24
CA ALA A 118 -15.85 15.79 -7.16
C ALA A 118 -16.86 14.67 -7.41
N GLU A 119 -17.94 15.02 -8.11
CA GLU A 119 -19.11 14.16 -8.28
C GLU A 119 -18.81 12.72 -8.72
N THR A 120 -18.01 12.56 -9.77
CA THR A 120 -17.71 11.22 -10.28
C THR A 120 -16.89 10.43 -9.26
N ALA A 121 -15.88 11.08 -8.69
CA ALA A 121 -15.01 10.45 -7.71
C ALA A 121 -15.78 9.93 -6.50
N VAL A 122 -16.72 10.72 -6.01
CA VAL A 122 -17.54 10.37 -4.86
C VAL A 122 -18.23 9.02 -5.05
N GLY A 123 -18.84 8.83 -6.21
CA GLY A 123 -19.51 7.58 -6.53
C GLY A 123 -18.53 6.42 -6.57
N VAL A 124 -17.35 6.66 -7.12
CA VAL A 124 -16.31 5.65 -7.20
C VAL A 124 -15.82 5.28 -5.80
N LEU A 125 -15.57 6.29 -4.98
CA LEU A 125 -15.13 6.07 -3.60
C LEU A 125 -16.19 5.33 -2.80
N SER A 126 -17.45 5.62 -3.10
CA SER A 126 -18.56 4.91 -2.47
C SER A 126 -18.55 3.44 -2.85
N GLN A 127 -18.34 3.17 -4.14
CA GLN A 127 -18.32 1.80 -4.65
C GLN A 127 -17.21 0.98 -4.00
N PHE A 128 -16.08 1.62 -3.72
CA PHE A 128 -14.94 0.93 -3.13
C PHE A 128 -14.81 1.21 -1.64
N GLY A 129 -15.94 1.51 -1.00
CA GLY A 129 -16.02 1.69 0.44
C GLY A 129 -15.07 2.70 1.04
N GLN A 130 -14.96 3.86 0.42
CA GLN A 130 -14.03 4.89 0.89
C GLN A 130 -14.69 6.23 1.14
N GLU A 131 -15.99 6.32 0.90
CA GLU A 131 -16.70 7.60 1.03
C GLU A 131 -16.70 8.13 2.46
N HIS A 132 -16.55 7.23 3.42
CA HIS A 132 -16.55 7.60 4.83
C HIS A 132 -15.38 8.52 5.19
N ARG A 133 -14.32 8.46 4.39
CA ARG A 133 -13.12 9.27 4.63
C ARG A 133 -13.32 10.73 4.24
N LEU A 134 -14.38 11.01 3.49
CA LEU A 134 -14.57 12.34 2.93
C LEU A 134 -15.05 13.36 3.96
N SER A 135 -14.63 14.61 3.76
CA SER A 135 -15.17 15.74 4.51
C SER A 135 -15.76 16.73 3.51
N PRO A 136 -16.90 16.38 2.90
CA PRO A 136 -17.48 17.18 1.82
C PRO A 136 -17.84 18.60 2.24
N GLU A 137 -17.93 18.82 3.54
CA GLU A 137 -18.14 20.17 4.07
C GLU A 137 -16.83 20.97 4.05
N HIS B 1 29.32 4.43 13.94
CA HIS B 1 29.31 3.24 14.78
C HIS B 1 29.87 2.05 14.02
N PRO B 2 31.19 1.82 14.14
CA PRO B 2 31.88 0.71 13.47
C PRO B 2 31.37 -0.67 13.89
N ILE B 3 30.53 -0.73 14.92
CA ILE B 3 30.05 -2.02 15.44
C ILE B 3 28.80 -2.49 14.74
N GLU B 4 28.95 -3.55 13.93
CA GLU B 4 27.83 -4.15 13.21
C GLU B 4 27.60 -5.58 13.70
N VAL B 5 26.34 -6.01 13.71
CA VAL B 5 26.02 -7.39 14.00
C VAL B 5 25.04 -7.94 12.96
N VAL B 6 25.11 -9.25 12.75
CA VAL B 6 24.24 -9.91 11.80
C VAL B 6 23.23 -10.75 12.57
N LEU B 7 21.96 -10.35 12.48
CA LEU B 7 20.90 -11.05 13.22
C LEU B 7 19.98 -11.79 12.26
N ARG B 8 19.68 -13.04 12.58
CA ARG B 8 18.94 -13.91 11.67
C ARG B 8 17.75 -14.62 12.31
N ASP B 9 16.69 -14.77 11.54
CA ASP B 9 15.55 -15.58 11.94
C ASP B 9 15.48 -16.82 11.02
N MSE B 10 16.27 -16.79 9.95
CA MSE B 10 16.29 -17.88 8.98
C MSE B 10 17.71 -18.23 8.60
O MSE B 10 18.61 -17.41 8.74
CB MSE B 10 15.58 -17.45 7.69
CG MSE B 10 14.21 -16.84 7.87
SE MSE B 10 13.70 -15.93 6.24
CE MSE B 10 14.57 -14.20 6.56
N ASN B 11 17.90 -19.43 8.07
CA ASN B 11 19.17 -19.77 7.44
C ASN B 11 19.25 -19.12 6.06
N ASN B 12 20.41 -19.17 5.44
CA ASN B 12 20.63 -18.53 4.14
C ASN B 12 19.66 -18.97 3.06
N LYS B 13 19.36 -20.28 3.04
CA LYS B 13 18.48 -20.84 2.01
C LYS B 13 17.06 -20.30 2.10
N ASP B 14 16.49 -20.30 3.30
CA ASP B 14 15.15 -19.78 3.50
C ASP B 14 15.08 -18.29 3.17
N ALA B 15 16.17 -17.58 3.44
CA ALA B 15 16.22 -16.13 3.22
C ALA B 15 16.21 -15.75 1.75
N ARG B 16 16.42 -16.71 0.87
CA ARG B 16 16.46 -16.44 -0.58
C ARG B 16 15.32 -17.12 -1.33
N GLN B 17 14.33 -17.64 -0.60
CA GLN B 17 13.19 -18.30 -1.21
C GLN B 17 12.39 -17.33 -2.08
N LYS B 18 11.94 -17.81 -3.24
CA LYS B 18 11.19 -16.98 -4.16
C LYS B 18 9.69 -17.24 -4.06
N ILE B 19 8.89 -16.23 -4.42
CA ILE B 19 7.45 -16.38 -4.53
C ILE B 19 7.10 -16.77 -5.96
N LYS B 20 6.23 -17.75 -6.13
CA LYS B 20 5.99 -18.34 -7.44
C LYS B 20 4.92 -17.62 -8.28
N ASP B 21 3.66 -17.71 -7.86
CA ASP B 21 2.55 -17.19 -8.66
C ASP B 21 2.55 -15.67 -8.80
N GLU B 22 1.48 -15.13 -9.37
CA GLU B 22 1.42 -13.69 -9.60
C GLU B 22 1.46 -12.93 -8.28
N VAL B 23 2.09 -11.78 -8.29
CA VAL B 23 2.26 -11.00 -7.08
C VAL B 23 1.75 -9.58 -7.23
N ASN B 24 1.38 -8.98 -6.11
CA ASN B 24 1.21 -7.55 -6.05
C ASN B 24 2.54 -6.97 -5.60
N THR B 25 2.86 -5.78 -6.08
CA THR B 25 4.14 -5.17 -5.79
C THR B 25 3.98 -3.77 -5.23
N GLN B 26 5.06 -3.25 -4.64
CA GLN B 26 5.05 -1.91 -4.10
C GLN B 26 6.49 -1.44 -3.95
N LYS B 27 6.74 -0.20 -4.36
CA LYS B 27 8.04 0.42 -4.21
C LYS B 27 7.89 1.68 -3.36
N GLU B 28 8.46 1.64 -2.16
CA GLU B 28 8.32 2.74 -1.23
C GLU B 28 9.71 3.19 -0.77
N GLY B 29 10.22 4.25 -1.41
CA GLY B 29 11.57 4.69 -1.16
C GLY B 29 12.55 3.60 -1.54
N LYS B 30 13.33 3.13 -0.56
CA LYS B 30 14.30 2.07 -0.80
C LYS B 30 13.64 0.68 -0.75
N PHE B 31 12.44 0.61 -0.19
CA PHE B 31 11.79 -0.67 0.06
C PHE B 31 11.04 -1.24 -1.14
N ARG B 32 11.20 -2.54 -1.35
CA ARG B 32 10.50 -3.25 -2.41
C ARG B 32 9.75 -4.43 -1.80
N LEU B 33 8.42 -4.38 -1.88
CA LEU B 33 7.58 -5.44 -1.32
C LEU B 33 6.86 -6.22 -2.42
N THR B 34 6.89 -7.54 -2.32
CA THR B 34 6.09 -8.38 -3.20
C THR B 34 5.24 -9.33 -2.37
N ILE B 35 3.96 -9.45 -2.72
CA ILE B 35 3.02 -10.26 -1.97
C ILE B 35 2.18 -11.10 -2.92
N LYS B 36 1.92 -12.34 -2.56
CA LYS B 36 1.02 -13.20 -3.35
C LYS B 36 -0.32 -12.54 -3.57
N ARG B 37 -0.81 -12.59 -4.81
CA ARG B 37 -2.13 -12.05 -5.11
C ARG B 37 -3.20 -12.89 -4.44
N ASP B 38 -2.98 -14.20 -4.40
CA ASP B 38 -3.95 -15.12 -3.83
C ASP B 38 -3.57 -15.50 -2.40
N ILE B 39 -4.23 -14.86 -1.43
CA ILE B 39 -4.00 -15.12 -0.02
C ILE B 39 -5.26 -15.61 0.66
N ARG B 40 -6.18 -16.17 -0.12
CA ARG B 40 -7.50 -16.58 0.35
C ARG B 40 -7.50 -17.49 1.57
N ASN B 41 -6.61 -18.48 1.60
CA ASN B 41 -6.55 -19.40 2.72
C ASN B 41 -5.32 -19.22 3.60
N VAL B 42 -4.87 -17.97 3.73
CA VAL B 42 -3.84 -17.65 4.71
C VAL B 42 -4.53 -17.38 6.04
N LEU B 43 -4.34 -18.29 6.99
CA LEU B 43 -5.02 -18.21 8.27
C LEU B 43 -4.26 -17.35 9.27
N SER B 44 -2.95 -17.26 9.09
CA SER B 44 -2.10 -16.48 9.98
C SER B 44 -0.80 -16.12 9.27
N LEU B 45 -0.04 -15.22 9.88
CA LEU B 45 1.19 -14.73 9.28
C LEU B 45 2.34 -14.82 10.28
N ARG B 46 3.50 -15.23 9.80
CA ARG B 46 4.71 -15.19 10.64
C ARG B 46 5.84 -14.47 9.91
N VAL B 47 6.43 -13.47 10.57
CA VAL B 47 7.44 -12.62 9.95
C VAL B 47 8.84 -12.95 10.45
N LEU B 48 9.76 -13.13 9.50
CA LEU B 48 11.14 -13.47 9.82
C LEU B 48 12.09 -12.49 9.13
N VAL B 49 13.15 -12.09 9.83
CA VAL B 49 14.09 -11.11 9.29
C VAL B 49 15.55 -11.55 9.41
N ASN B 50 16.28 -11.43 8.31
CA ASN B 50 17.74 -11.49 8.33
C ASN B 50 18.28 -10.13 7.93
N GLY B 51 19.25 -9.61 8.69
CA GLY B 51 19.82 -8.33 8.38
C GLY B 51 21.02 -7.96 9.24
N THR B 52 21.69 -6.87 8.88
CA THR B 52 22.78 -6.35 9.68
C THR B 52 22.27 -5.15 10.47
N PHE B 53 22.72 -5.02 11.71
CA PHE B 53 22.21 -3.98 12.60
C PHE B 53 23.33 -3.12 13.16
N LEU B 54 23.06 -1.81 13.27
CA LEU B 54 24.00 -0.89 13.90
C LEU B 54 23.76 -0.89 15.41
N LYS B 55 24.79 -1.22 16.17
CA LYS B 55 24.70 -1.16 17.62
C LYS B 55 25.06 0.23 18.13
N HIS B 56 24.34 0.66 19.16
CA HIS B 56 24.60 1.95 19.80
C HIS B 56 25.06 1.70 21.22
N PRO B 57 25.89 2.61 21.77
CA PRO B 57 26.40 2.46 23.14
C PRO B 57 25.28 2.33 24.17
N ASN B 58 24.13 2.93 23.88
CA ASN B 58 22.97 2.81 24.76
C ASN B 58 22.24 1.48 24.63
N GLY B 59 22.93 0.48 24.09
CA GLY B 59 22.42 -0.87 24.00
C GLY B 59 21.39 -1.09 22.90
N ASP B 60 21.07 -0.02 22.18
CA ASP B 60 20.04 -0.09 21.15
C ASP B 60 20.60 -0.56 19.81
N LYS B 61 19.72 -1.12 18.98
CA LYS B 61 20.09 -1.58 17.65
C LYS B 61 19.13 -1.02 16.63
N SER B 62 19.64 -0.71 15.44
CA SER B 62 18.78 -0.27 14.34
C SER B 62 19.18 -0.98 13.05
N LEU B 63 18.20 -1.20 12.18
CA LEU B 63 18.44 -1.88 10.92
C LEU B 63 19.30 -1.03 9.99
N SER B 64 20.40 -1.61 9.50
CA SER B 64 21.28 -0.90 8.56
C SER B 64 21.19 -1.49 7.16
N THR B 65 21.36 -2.81 7.06
CA THR B 65 21.14 -3.50 5.79
C THR B 65 20.06 -4.57 5.94
N LEU B 66 18.95 -4.39 5.24
CA LEU B 66 17.93 -5.42 5.21
C LEU B 66 18.29 -6.43 4.13
N HIS B 67 18.64 -7.63 4.56
CA HIS B 67 18.87 -8.70 3.58
C HIS B 67 17.52 -9.22 3.10
N ARG B 68 16.67 -9.60 4.04
CA ARG B 68 15.37 -10.18 3.70
C ARG B 68 14.38 -10.20 4.86
N LEU B 69 13.17 -9.73 4.59
CA LEU B 69 12.03 -9.98 5.47
C LEU B 69 11.07 -10.89 4.74
N ASN B 70 10.76 -12.03 5.35
CA ASN B 70 9.78 -12.95 4.79
C ASN B 70 8.57 -13.07 5.71
N ALA B 71 7.40 -13.27 5.11
CA ALA B 71 6.19 -13.56 5.86
C ALA B 71 5.58 -14.85 5.34
N TYR B 72 5.29 -15.78 6.25
CA TYR B 72 4.79 -17.10 5.87
C TYR B 72 3.39 -17.35 6.39
N ASP B 73 2.66 -18.24 5.72
CA ASP B 73 1.33 -18.64 6.18
C ASP B 73 1.45 -19.69 7.28
N GLN B 74 0.31 -20.24 7.68
CA GLN B 74 0.26 -21.21 8.77
C GLN B 74 1.06 -22.48 8.47
N ASN B 75 1.25 -22.79 7.20
CA ASN B 75 1.94 -24.02 6.81
C ASN B 75 3.35 -23.79 6.28
N GLY B 76 3.90 -22.60 6.53
CA GLY B 76 5.27 -22.30 6.17
C GLY B 76 5.47 -21.92 4.71
N GLY B 77 4.37 -21.71 3.99
CA GLY B 77 4.45 -21.24 2.62
C GLY B 77 4.74 -19.76 2.57
N LEU B 78 5.64 -19.34 1.68
CA LEU B 78 6.02 -17.94 1.58
C LEU B 78 4.90 -17.09 0.98
N VAL B 79 4.48 -16.07 1.72
CA VAL B 79 3.39 -15.21 1.29
C VAL B 79 3.90 -13.85 0.81
N ALA B 80 4.90 -13.31 1.52
CA ALA B 80 5.44 -12.00 1.16
C ALA B 80 6.95 -11.87 1.37
N LYS B 81 7.57 -11.03 0.54
CA LYS B 81 9.01 -10.77 0.63
C LYS B 81 9.25 -9.26 0.62
N LEU B 82 10.12 -8.80 1.52
CA LEU B 82 10.50 -7.39 1.54
C LEU B 82 12.02 -7.22 1.52
N VAL B 83 12.49 -6.37 0.63
CA VAL B 83 13.91 -6.10 0.51
C VAL B 83 14.16 -4.60 0.41
N ALA B 84 15.43 -4.20 0.35
CA ALA B 84 15.80 -2.80 0.22
C ALA B 84 16.93 -2.63 -0.79
N THR B 85 16.93 -1.49 -1.48
CA THR B 85 17.90 -1.24 -2.54
C THR B 85 19.18 -0.61 -2.02
N ASP B 86 19.11 -0.07 -0.80
CA ASP B 86 20.26 0.60 -0.19
C ASP B 86 20.26 0.36 1.32
N ASP B 87 21.34 0.75 1.98
CA ASP B 87 21.39 0.69 3.43
C ASP B 87 20.37 1.66 4.03
N LEU B 88 19.84 1.31 5.19
CA LEU B 88 18.76 2.08 5.80
C LEU B 88 19.25 3.02 6.90
N THR B 89 18.59 4.18 7.01
CA THR B 89 18.87 5.13 8.06
C THR B 89 17.58 5.46 8.78
N VAL B 90 17.62 6.46 9.65
CA VAL B 90 16.43 6.91 10.38
C VAL B 90 15.42 7.54 9.41
N GLU B 91 15.92 8.03 8.28
CA GLU B 91 15.09 8.68 7.28
C GLU B 91 14.11 7.72 6.61
N ASP B 92 14.42 6.43 6.66
CA ASP B 92 13.64 5.44 5.93
C ASP B 92 12.54 4.81 6.78
N GLU B 93 12.39 5.31 8.01
CA GLU B 93 11.43 4.71 8.93
C GLU B 93 9.98 5.03 8.56
N LYS B 94 9.76 6.19 7.95
CA LYS B 94 8.43 6.54 7.45
C LYS B 94 8.05 5.61 6.31
N ASP B 95 8.99 5.40 5.39
CA ASP B 95 8.76 4.50 4.26
C ASP B 95 8.58 3.06 4.73
N GLY B 96 9.41 2.64 5.67
CA GLY B 96 9.33 1.30 6.22
C GLY B 96 8.00 1.06 6.92
N HIS B 97 7.55 2.05 7.66
CA HIS B 97 6.26 1.97 8.36
C HIS B 97 5.13 1.81 7.36
N ARG B 98 5.20 2.57 6.26
CA ARG B 98 4.16 2.55 5.25
C ARG B 98 4.04 1.21 4.53
N ILE B 99 5.18 0.69 4.08
CA ILE B 99 5.18 -0.53 3.27
C ILE B 99 4.79 -1.76 4.10
N LEU B 100 5.17 -1.76 5.38
CA LEU B 100 4.79 -2.84 6.27
C LEU B 100 3.30 -2.75 6.59
N ASN B 101 2.80 -1.52 6.67
CA ASN B 101 1.39 -1.28 6.91
C ASN B 101 0.54 -1.86 5.78
N SER B 102 0.99 -1.67 4.55
CA SER B 102 0.31 -2.23 3.38
C SER B 102 0.34 -3.76 3.45
N LEU B 103 1.48 -4.30 3.86
CA LEU B 103 1.64 -5.74 4.01
C LEU B 103 0.64 -6.31 5.00
N PHE B 104 0.56 -5.71 6.18
CA PHE B 104 -0.22 -6.27 7.28
C PHE B 104 -1.73 -6.00 7.21
N GLU B 105 -2.12 -4.81 6.75
CA GLU B 105 -3.51 -4.40 6.81
C GLU B 105 -4.45 -5.30 5.99
N ARG B 106 -3.94 -5.84 4.89
CA ARG B 106 -4.75 -6.69 4.01
C ARG B 106 -5.17 -7.99 4.68
N PHE B 107 -4.58 -8.30 5.83
CA PHE B 107 -4.91 -9.52 6.55
C PHE B 107 -5.93 -9.28 7.66
N ASP B 108 -6.41 -8.04 7.75
CA ASP B 108 -7.54 -7.71 8.61
C ASP B 108 -8.81 -7.61 7.77
N GLU B 109 -8.71 -8.02 6.51
CA GLU B 109 -9.86 -7.98 5.61
C GLU B 109 -10.80 -9.15 5.90
N GLY B 110 -11.98 -8.82 6.41
CA GLY B 110 -12.94 -9.83 6.84
C GLY B 110 -12.56 -10.35 8.22
N HIS B 111 -12.10 -11.60 8.26
CA HIS B 111 -11.68 -12.22 9.51
CA HIS B 111 -11.67 -12.23 9.50
C HIS B 111 -10.26 -11.76 9.85
N SER B 112 -10.04 -11.42 11.11
CA SER B 112 -8.73 -10.97 11.54
C SER B 112 -7.79 -12.15 11.75
N LYS B 113 -6.65 -12.10 11.07
CA LYS B 113 -5.68 -13.20 11.11
C LYS B 113 -4.49 -12.83 11.99
N PRO B 114 -4.10 -13.73 12.89
CA PRO B 114 -2.98 -13.47 13.81
C PRO B 114 -1.68 -13.22 13.08
N ILE B 115 -0.95 -12.19 13.50
CA ILE B 115 0.37 -11.92 12.98
C ILE B 115 1.40 -12.13 14.08
N ARG B 116 2.40 -12.97 13.82
CA ARG B 116 3.44 -13.22 14.79
C ARG B 116 4.80 -13.03 14.14
N ALA B 117 5.81 -12.77 14.95
CA ALA B 117 7.14 -12.49 14.41
C ALA B 117 8.22 -13.17 15.25
N ALA B 118 9.31 -13.54 14.59
CA ALA B 118 10.46 -14.10 15.29
C ALA B 118 11.27 -12.97 15.89
N GLU B 119 12.28 -13.31 16.68
CA GLU B 119 13.02 -12.36 17.49
C GLU B 119 13.59 -11.15 16.74
N THR B 120 14.30 -11.41 15.64
CA THR B 120 14.89 -10.32 14.87
C THR B 120 13.79 -9.47 14.26
N ALA B 121 12.72 -10.12 13.82
CA ALA B 121 11.59 -9.43 13.19
C ALA B 121 10.86 -8.53 14.19
N VAL B 122 10.77 -8.97 15.44
CA VAL B 122 10.18 -8.17 16.49
C VAL B 122 10.81 -6.78 16.57
N GLY B 123 12.15 -6.75 16.61
CA GLY B 123 12.88 -5.50 16.72
C GLY B 123 12.71 -4.59 15.53
N VAL B 124 12.68 -5.17 14.33
CA VAL B 124 12.48 -4.39 13.12
C VAL B 124 11.08 -3.77 13.08
N LEU B 125 10.08 -4.58 13.42
CA LEU B 125 8.70 -4.14 13.44
C LEU B 125 8.46 -3.04 14.48
N SER B 126 9.18 -3.11 15.59
CA SER B 126 9.08 -2.09 16.63
C SER B 126 9.69 -0.78 16.14
N GLN B 127 10.80 -0.89 15.43
CA GLN B 127 11.48 0.27 14.89
C GLN B 127 10.63 1.00 13.86
N PHE B 128 9.74 0.26 13.19
CA PHE B 128 8.89 0.84 12.16
C PHE B 128 7.43 0.95 12.60
N GLY B 129 7.20 0.94 13.91
CA GLY B 129 5.88 1.17 14.47
C GLY B 129 4.82 0.14 14.10
N GLN B 130 5.20 -1.13 14.10
CA GLN B 130 4.27 -2.19 13.72
C GLN B 130 4.13 -3.28 14.78
N GLU B 131 4.87 -3.16 15.88
CA GLU B 131 4.87 -4.18 16.91
C GLU B 131 3.48 -4.40 17.53
N HIS B 132 2.67 -3.34 17.51
CA HIS B 132 1.33 -3.40 18.08
C HIS B 132 0.42 -4.40 17.38
N ARG B 133 0.79 -4.78 16.15
CA ARG B 133 -0.01 -5.72 15.37
C ARG B 133 0.19 -7.17 15.81
N LEU B 134 1.30 -7.44 16.49
CA LEU B 134 1.71 -8.80 16.80
C LEU B 134 0.89 -9.45 17.91
N SER B 135 0.68 -10.76 17.76
CA SER B 135 0.16 -11.60 18.83
C SER B 135 1.36 -12.25 19.51
N PRO B 136 1.25 -12.53 20.82
CA PRO B 136 2.36 -13.17 21.55
C PRO B 136 2.68 -14.56 21.01
I IOD C . -26.08 8.57 -15.17
I IOD D . -30.84 -3.69 -11.06
I IOD E . -18.21 3.86 2.21
I IOD F . -14.14 18.86 -5.24
I IOD G . 2.96 9.81 -13.47
I IOD H . 5.22 -1.31 -8.08
I IOD I . -1.84 1.21 -17.19
I IOD J . -25.12 11.23 -13.48
I IOD K . 20.49 -15.55 -4.35
I IOD L . -1.41 1.22 3.73
I IOD L . -2.93 0.59 3.73
I IOD M . 4.74 -0.08 17.82
I IOD N . 21.93 -22.68 4.62
I IOD O . 10.10 -13.37 -5.66
#